data_9QBR
#
_entry.id   9QBR
#
_cell.length_a   83.589
_cell.length_b   83.589
_cell.length_c   147.406
_cell.angle_alpha   90.000
_cell.angle_beta   90.000
_cell.angle_gamma   90.000
#
_symmetry.space_group_name_H-M   'P 41 21 2'
#
loop_
_entity.id
_entity.type
_entity.pdbx_description
1 polymer 'Lysine--tRNA ligase 1'
2 non-polymer LYSINE
3 non-polymer 2-azanyl-4-methoxy-6-(4-oxidanylcyclohexyl)-7~{H}-pyrrolo[3,4-d]pyrimidin-5-one
4 water water
#
_entity_poly.entity_id   1
_entity_poly.type   'polypeptide(L)'
_entity_poly.pdbx_seq_one_letter_code
;MGSSHHHHHHSSGENLYFQGHMSAADTAEDLPEQFRIRRDKRARLLAQGRDPYPVAVPRTHTLAEVRAAHPDLPIDTATE
DIVGVAGRVIFARNSGKLCFATLQDGDGTQLQVMISLDKVGQAALDAWKADVDLGDIVYVHGAVISSRRGELSVLADCWR
IAAKSLRPLPVAHKEMSEESRVRQRYVDLIVRPEARAVARLRIAVVRAIRTALQRRGFLEVETPVLQTLAGGAAARPFAT
HSNALDIDLYLRIAPELFLKRCIVGGFDKVFELNRVFRNEGADSTHSPEFSMLETYQTYGTYDDSAVVTRELIQEVADEA
IGTRQLPLPDGSVYDIDGEWATIQMYPSLSVALGEEITPQTTVDRLRGIADSLGLEKDPAIHDNRGFGHGKLIEELWERT
VGKSLSAPTFVKDFPVQTTPLTRQHRSIPGVTEKWDLYLRGIELATGYSELSDPVVQRERFADQARAAAAGDDEAMVLDE
DFLAALEYGMPPCTGTGMGIDRLLMSLTGLSIRETVLFPIVRPHSN
;
_entity_poly.pdbx_strand_id   A
#
loop_
_chem_comp.id
_chem_comp.type
_chem_comp.name
_chem_comp.formula
A1I5H non-polymer 2-azanyl-4-methoxy-6-(4-oxidanylcyclohexyl)-7~{H}-pyrrolo[3,4-d]pyrimidin-5-one 'C13 H18 N4 O3'
#
# COMPACT_ATOMS: atom_id res chain seq x y z
N GLU A 33 9.37 -14.87 -31.43
CA GLU A 33 9.69 -14.76 -32.89
C GLU A 33 9.19 -13.42 -33.43
N GLN A 34 7.91 -13.11 -33.15
CA GLN A 34 7.22 -11.97 -33.72
C GLN A 34 7.86 -10.66 -33.29
N PHE A 35 8.79 -10.74 -32.33
CA PHE A 35 9.67 -9.64 -31.98
C PHE A 35 10.19 -8.96 -33.24
N ARG A 36 10.65 -9.76 -34.22
CA ARG A 36 11.38 -9.24 -35.37
C ARG A 36 10.40 -8.73 -36.42
N ILE A 37 9.29 -9.45 -36.62
CA ILE A 37 8.23 -9.03 -37.54
C ILE A 37 7.72 -7.65 -37.14
N ARG A 38 7.71 -7.37 -35.84
CA ARG A 38 7.23 -6.10 -35.31
C ARG A 38 8.23 -4.98 -35.61
N ARG A 39 9.51 -5.22 -35.29
CA ARG A 39 10.59 -4.25 -35.49
C ARG A 39 10.71 -3.86 -36.96
N ASP A 40 10.38 -4.80 -37.86
CA ASP A 40 10.41 -4.58 -39.29
C ASP A 40 9.31 -3.57 -39.67
N LYS A 41 8.09 -3.79 -39.18
CA LYS A 41 6.97 -2.91 -39.52
C LYS A 41 7.19 -1.50 -38.96
N ARG A 42 8.08 -1.37 -37.97
CA ARG A 42 8.41 -0.07 -37.40
C ARG A 42 9.20 0.75 -38.41
N ALA A 43 10.37 0.24 -38.82
CA ALA A 43 11.27 0.96 -39.71
C ALA A 43 10.66 1.10 -41.11
N ARG A 44 9.77 0.18 -41.51
CA ARG A 44 9.10 0.29 -42.81
C ARG A 44 7.92 1.28 -42.70
N LEU A 45 7.62 1.72 -41.47
CA LEU A 45 6.70 2.82 -41.25
C LEU A 45 7.47 4.14 -41.21
N LEU A 46 8.68 4.12 -40.63
CA LEU A 46 9.55 5.29 -40.56
C LEU A 46 9.87 5.76 -41.97
N ALA A 47 10.57 4.90 -42.72
CA ALA A 47 11.06 5.19 -44.07
C ALA A 47 9.91 5.66 -44.96
N GLN A 48 8.72 5.09 -44.75
CA GLN A 48 7.53 5.42 -45.54
C GLN A 48 6.94 6.78 -45.18
N GLY A 49 7.59 7.54 -44.28
CA GLY A 49 7.13 8.86 -43.87
C GLY A 49 5.98 8.81 -42.85
N ARG A 50 5.60 7.60 -42.41
CA ARG A 50 4.56 7.41 -41.40
C ARG A 50 5.22 7.49 -40.03
N ASP A 51 4.56 8.13 -39.05
CA ASP A 51 5.13 8.27 -37.72
C ASP A 51 4.46 7.26 -36.80
N PRO A 52 5.21 6.23 -36.31
CA PRO A 52 4.64 5.16 -35.48
C PRO A 52 4.55 5.52 -34.00
N TYR A 53 5.29 6.57 -33.60
CA TYR A 53 5.30 7.11 -32.26
C TYR A 53 5.10 8.61 -32.31
N PRO A 54 3.95 9.12 -32.83
CA PRO A 54 3.74 10.56 -32.98
C PRO A 54 3.86 11.33 -31.66
N VAL A 55 4.18 12.62 -31.74
CA VAL A 55 4.36 13.46 -30.56
C VAL A 55 3.02 13.62 -29.85
N ALA A 56 1.93 13.75 -30.64
CA ALA A 56 0.67 14.22 -30.09
C ALA A 56 -0.46 13.96 -31.06
N VAL A 57 -1.38 13.07 -30.67
CA VAL A 57 -2.58 12.87 -31.46
C VAL A 57 -3.73 13.49 -30.68
N PRO A 58 -4.74 14.09 -31.35
CA PRO A 58 -5.76 14.88 -30.64
C PRO A 58 -6.93 14.04 -30.14
N ARG A 59 -6.71 13.36 -29.02
CA ARG A 59 -7.78 12.66 -28.32
C ARG A 59 -8.72 13.70 -27.72
N THR A 60 -10.02 13.52 -27.97
CA THR A 60 -11.04 14.45 -27.50
C THR A 60 -11.71 13.89 -26.25
N HIS A 61 -11.67 12.56 -26.09
CA HIS A 61 -12.40 11.88 -25.03
C HIS A 61 -11.73 10.56 -24.65
N THR A 62 -11.80 10.20 -23.35
CA THR A 62 -11.52 8.84 -22.91
C THR A 62 -12.74 7.98 -23.23
N LEU A 63 -12.51 6.68 -23.42
CA LEU A 63 -13.58 5.77 -23.80
C LEU A 63 -14.66 5.81 -22.72
N ALA A 64 -14.24 5.77 -21.46
CA ALA A 64 -15.12 6.00 -20.32
C ALA A 64 -16.10 7.13 -20.60
N GLU A 65 -15.60 8.25 -21.13
CA GLU A 65 -16.39 9.46 -21.31
C GLU A 65 -17.39 9.29 -22.45
N VAL A 66 -17.01 8.50 -23.46
CA VAL A 66 -17.89 8.17 -24.58
C VAL A 66 -19.01 7.28 -24.08
N ARG A 67 -18.68 6.28 -23.26
CA ARG A 67 -19.66 5.35 -22.70
C ARG A 67 -20.62 6.12 -21.80
N ALA A 68 -20.05 6.87 -20.85
CA ALA A 68 -20.79 7.62 -19.85
C ALA A 68 -21.79 8.58 -20.50
N ALA A 69 -21.57 8.92 -21.78
CA ALA A 69 -22.43 9.88 -22.47
C ALA A 69 -23.20 9.22 -23.63
N HIS A 70 -23.31 7.88 -23.66
CA HIS A 70 -24.07 7.22 -24.72
C HIS A 70 -24.70 5.91 -24.24
N PRO A 71 -25.65 5.94 -23.29
CA PRO A 71 -26.61 4.84 -23.12
C PRO A 71 -27.62 4.76 -24.26
N ASP A 76 -29.45 0.14 -33.03
CA ASP A 76 -28.60 0.05 -34.26
C ASP A 76 -28.98 1.15 -35.24
N THR A 77 -28.76 2.40 -34.82
CA THR A 77 -28.83 3.57 -35.68
C THR A 77 -27.55 4.37 -35.47
N ALA A 78 -27.42 5.54 -36.13
CA ALA A 78 -26.18 6.32 -36.10
C ALA A 78 -26.39 7.69 -35.45
N THR A 79 -25.33 8.21 -34.81
CA THR A 79 -25.37 9.54 -34.20
C THR A 79 -24.17 10.36 -34.68
N GLU A 80 -24.34 11.69 -34.63
CA GLU A 80 -23.45 12.63 -35.29
C GLU A 80 -22.46 13.23 -34.29
N ASP A 81 -22.44 12.72 -33.05
CA ASP A 81 -21.36 13.04 -32.13
C ASP A 81 -20.07 12.49 -32.72
N ILE A 82 -19.10 13.39 -32.93
CA ILE A 82 -17.79 13.05 -33.44
C ILE A 82 -16.79 13.17 -32.30
N VAL A 83 -15.83 12.23 -32.26
CA VAL A 83 -14.82 12.18 -31.22
C VAL A 83 -13.52 11.70 -31.85
N GLY A 84 -12.41 12.04 -31.18
CA GLY A 84 -11.15 11.35 -31.36
C GLY A 84 -10.89 10.52 -30.12
N VAL A 85 -10.69 9.22 -30.29
CA VAL A 85 -10.41 8.32 -29.20
C VAL A 85 -9.07 7.66 -29.45
N ALA A 86 -8.44 7.23 -28.35
CA ALA A 86 -7.27 6.39 -28.44
C ALA A 86 -7.52 5.16 -27.57
N GLY A 87 -6.68 4.14 -27.74
CA GLY A 87 -7.01 2.82 -27.23
C GLY A 87 -6.05 1.75 -27.74
N ARG A 88 -5.85 0.74 -26.90
CA ARG A 88 -5.03 -0.40 -27.25
C ARG A 88 -5.91 -1.36 -28.05
N VAL A 89 -5.36 -1.93 -29.12
CA VAL A 89 -6.12 -2.88 -29.91
C VAL A 89 -5.80 -4.25 -29.32
N ILE A 90 -6.80 -4.82 -28.64
CA ILE A 90 -6.66 -6.01 -27.84
C ILE A 90 -7.54 -7.12 -28.44
N PHE A 91 -7.97 -6.92 -29.69
CA PHE A 91 -8.78 -7.89 -30.40
C PHE A 91 -8.98 -7.39 -31.83
N ALA A 92 -8.48 -8.14 -32.82
CA ALA A 92 -8.75 -7.84 -34.21
C ALA A 92 -9.74 -8.86 -34.78
N ARG A 93 -10.49 -8.44 -35.80
CA ARG A 93 -11.21 -9.35 -36.70
C ARG A 93 -11.26 -8.71 -38.09
N ASN A 94 -10.13 -8.81 -38.81
CA ASN A 94 -9.99 -8.31 -40.18
C ASN A 94 -10.87 -9.16 -41.09
N SER A 95 -11.61 -8.52 -42.01
CA SER A 95 -12.57 -9.23 -42.84
C SER A 95 -12.90 -8.46 -44.13
N GLY A 96 -11.96 -8.44 -45.08
CA GLY A 96 -12.23 -7.99 -46.44
C GLY A 96 -12.25 -6.47 -46.56
N LYS A 97 -13.46 -5.89 -46.60
CA LYS A 97 -13.64 -4.45 -46.74
C LYS A 97 -14.10 -3.84 -45.40
N LEU A 98 -14.16 -4.65 -44.32
CA LEU A 98 -14.41 -4.16 -42.97
C LEU A 98 -13.57 -4.95 -41.96
N CYS A 99 -12.79 -4.22 -41.15
CA CYS A 99 -12.14 -4.79 -39.98
C CYS A 99 -12.84 -4.29 -38.72
N PHE A 100 -13.15 -5.21 -37.81
CA PHE A 100 -13.72 -4.85 -36.53
C PHE A 100 -12.62 -5.09 -35.49
N ALA A 101 -12.35 -4.08 -34.65
CA ALA A 101 -11.34 -4.24 -33.62
C ALA A 101 -11.83 -3.62 -32.32
N THR A 102 -11.30 -4.13 -31.20
CA THR A 102 -11.69 -3.66 -29.89
C THR A 102 -10.55 -2.83 -29.31
N LEU A 103 -10.90 -1.66 -28.78
CA LEU A 103 -9.96 -0.74 -28.17
C LEU A 103 -10.19 -0.74 -26.65
N GLN A 104 -9.08 -0.91 -25.92
CA GLN A 104 -9.12 -0.90 -24.46
C GLN A 104 -8.25 0.23 -23.95
N ASP A 105 -8.92 1.24 -23.34
CA ASP A 105 -8.27 2.36 -22.68
C ASP A 105 -7.50 1.83 -21.48
N GLY A 106 -6.59 2.66 -20.95
CA GLY A 106 -5.68 2.24 -19.89
C GLY A 106 -6.37 1.64 -18.67
N ASP A 107 -7.50 2.24 -18.28
CA ASP A 107 -8.27 1.83 -17.12
C ASP A 107 -9.11 0.59 -17.41
N GLY A 108 -9.19 0.21 -18.70
CA GLY A 108 -9.74 -1.09 -19.07
C GLY A 108 -11.07 -0.98 -19.79
N THR A 109 -11.64 0.24 -19.86
CA THR A 109 -12.89 0.47 -20.56
C THR A 109 -12.68 0.16 -22.04
N GLN A 110 -13.77 -0.21 -22.71
CA GLN A 110 -13.66 -0.72 -24.06
C GLN A 110 -14.70 -0.04 -24.96
N LEU A 111 -14.25 0.28 -26.17
CA LEU A 111 -15.14 0.66 -27.26
C LEU A 111 -14.66 -0.09 -28.51
N GLN A 112 -15.58 -0.76 -29.21
CA GLN A 112 -15.20 -1.43 -30.45
C GLN A 112 -15.08 -0.35 -31.52
N VAL A 113 -14.19 -0.61 -32.48
CA VAL A 113 -14.03 0.23 -33.66
C VAL A 113 -14.32 -0.63 -34.88
N MET A 114 -14.78 0.03 -35.95
CA MET A 114 -14.98 -0.62 -37.24
C MET A 114 -14.31 0.22 -38.32
N ILE A 115 -13.06 -0.16 -38.65
CA ILE A 115 -12.29 0.42 -39.73
C ILE A 115 -12.88 -0.12 -41.04
N SER A 116 -13.35 0.80 -41.90
CA SER A 116 -14.11 0.44 -43.09
C SER A 116 -13.39 0.88 -44.36
N LEU A 117 -14.04 0.67 -45.52
CA LEU A 117 -13.45 0.98 -46.81
C LEU A 117 -13.99 2.32 -47.34
N ASP A 118 -15.33 2.46 -47.33
CA ASP A 118 -16.01 3.57 -47.99
C ASP A 118 -16.00 4.85 -47.15
N LYS A 119 -15.69 4.75 -45.85
CA LYS A 119 -15.81 5.89 -44.94
C LYS A 119 -14.56 6.78 -44.98
N VAL A 120 -13.41 6.23 -45.39
CA VAL A 120 -12.26 7.01 -45.85
C VAL A 120 -11.10 6.05 -46.12
N GLY A 121 -10.71 5.95 -47.40
CA GLY A 121 -9.46 5.32 -47.80
C GLY A 121 -9.64 3.83 -48.14
N GLN A 122 -8.92 3.39 -49.18
CA GLN A 122 -8.73 1.98 -49.51
C GLN A 122 -7.30 1.58 -49.13
N ALA A 123 -6.37 2.51 -49.22
CA ALA A 123 -5.06 2.39 -48.57
C ALA A 123 -5.26 2.33 -47.05
N ALA A 124 -6.29 3.03 -46.55
CA ALA A 124 -6.67 3.00 -45.16
C ALA A 124 -6.85 1.56 -44.69
N LEU A 125 -7.80 0.85 -45.32
CA LEU A 125 -8.13 -0.53 -44.99
C LEU A 125 -6.88 -1.41 -45.06
N ASP A 126 -6.07 -1.22 -46.12
CA ASP A 126 -4.89 -2.02 -46.35
C ASP A 126 -3.84 -1.75 -45.27
N ALA A 127 -3.55 -0.47 -45.05
CA ALA A 127 -2.61 -0.05 -44.01
C ALA A 127 -3.08 -0.60 -42.65
N TRP A 128 -4.38 -0.47 -42.37
CA TRP A 128 -4.95 -1.04 -41.16
C TRP A 128 -4.58 -2.52 -41.06
N LYS A 129 -4.97 -3.30 -42.07
CA LYS A 129 -4.66 -4.72 -42.13
C LYS A 129 -3.15 -4.93 -41.99
N ALA A 130 -2.37 -4.11 -42.71
CA ALA A 130 -0.93 -4.34 -42.87
C ALA A 130 -0.16 -4.03 -41.60
N ASP A 131 -0.45 -2.89 -40.98
CA ASP A 131 0.46 -2.25 -40.04
C ASP A 131 0.00 -2.42 -38.59
N VAL A 132 -1.29 -2.71 -38.36
CA VAL A 132 -1.83 -2.89 -37.03
C VAL A 132 -1.50 -4.28 -36.52
N ASP A 133 -0.88 -4.34 -35.33
CA ASP A 133 -0.66 -5.58 -34.61
C ASP A 133 -1.49 -5.50 -33.32
N LEU A 134 -1.27 -6.43 -32.38
CA LEU A 134 -2.08 -6.52 -31.17
C LEU A 134 -1.25 -6.09 -29.96
N GLY A 135 -1.87 -5.19 -29.17
CA GLY A 135 -1.15 -4.43 -28.17
C GLY A 135 -0.63 -3.13 -28.77
N ASP A 136 -1.35 -2.63 -29.78
CA ASP A 136 -1.01 -1.41 -30.50
C ASP A 136 -1.96 -0.29 -30.09
N ILE A 137 -1.38 0.85 -29.72
CA ILE A 137 -2.19 2.01 -29.38
C ILE A 137 -2.51 2.76 -30.67
N VAL A 138 -3.76 3.22 -30.77
CA VAL A 138 -4.37 3.55 -32.05
C VAL A 138 -5.34 4.70 -31.80
N TYR A 139 -5.20 5.80 -32.56
CA TYR A 139 -6.13 6.91 -32.48
C TYR A 139 -7.13 6.74 -33.62
N VAL A 140 -8.41 7.00 -33.33
CA VAL A 140 -9.51 6.83 -34.27
C VAL A 140 -10.51 7.97 -34.11
N HIS A 141 -10.52 8.90 -35.08
CA HIS A 141 -11.48 9.99 -35.15
C HIS A 141 -12.65 9.55 -36.02
N GLY A 142 -13.87 9.92 -35.62
CA GLY A 142 -15.04 9.57 -36.40
C GLY A 142 -16.33 9.67 -35.58
N ALA A 143 -17.36 8.97 -36.05
CA ALA A 143 -18.70 9.05 -35.49
C ALA A 143 -18.99 7.80 -34.66
N VAL A 144 -19.78 7.98 -33.59
CA VAL A 144 -20.07 6.92 -32.63
C VAL A 144 -21.47 6.38 -32.90
N ILE A 145 -21.63 5.04 -32.83
CA ILE A 145 -22.82 4.39 -33.34
C ILE A 145 -23.22 3.17 -32.50
N SER A 146 -24.52 2.86 -32.56
CA SER A 146 -25.09 1.59 -32.11
C SER A 146 -24.91 0.55 -33.21
N SER A 147 -24.41 -0.64 -32.85
CA SER A 147 -24.29 -1.74 -33.81
C SER A 147 -25.10 -2.94 -33.33
N ARG A 148 -25.07 -4.01 -34.14
CA ARG A 148 -25.93 -5.17 -33.96
C ARG A 148 -25.63 -5.83 -32.60
N GLU A 151 -23.58 -3.41 -30.16
CA GLU A 151 -22.32 -3.19 -29.40
C GLU A 151 -21.76 -1.82 -29.82
N LEU A 152 -21.54 -0.95 -28.82
CA LEU A 152 -21.19 0.44 -29.07
C LEU A 152 -19.80 0.53 -29.71
N SER A 153 -19.75 0.98 -30.97
CA SER A 153 -18.50 1.10 -31.69
C SER A 153 -18.25 2.55 -32.05
N VAL A 154 -17.13 2.82 -32.74
CA VAL A 154 -16.91 4.11 -33.38
C VAL A 154 -16.32 3.86 -34.78
N LEU A 155 -16.90 4.52 -35.78
CA LEU A 155 -16.58 4.32 -37.18
C LEU A 155 -15.86 5.54 -37.74
N ALA A 156 -14.76 5.29 -38.45
CA ALA A 156 -13.66 6.24 -38.54
C ALA A 156 -13.76 7.11 -39.80
N ASP A 157 -13.42 8.41 -39.64
CA ASP A 157 -12.96 9.24 -40.75
C ASP A 157 -11.45 9.12 -40.83
N CYS A 158 -10.77 9.58 -39.77
CA CYS A 158 -9.34 9.47 -39.61
C CYS A 158 -9.03 8.22 -38.79
N TRP A 159 -7.80 7.73 -38.90
CA TRP A 159 -7.23 6.82 -37.92
C TRP A 159 -5.71 6.87 -38.05
N ARG A 160 -5.00 6.60 -36.95
CA ARG A 160 -3.55 6.76 -36.92
C ARG A 160 -2.98 5.97 -35.75
N ILE A 161 -1.82 5.34 -35.98
CA ILE A 161 -1.10 4.60 -34.95
C ILE A 161 -0.44 5.58 -33.98
N ALA A 162 -0.75 5.42 -32.69
CA ALA A 162 -0.24 6.30 -31.64
C ALA A 162 1.04 5.74 -31.05
N ALA A 163 1.13 4.40 -30.95
CA ALA A 163 2.39 3.74 -30.63
C ALA A 163 2.36 2.29 -31.13
N LYS A 164 3.53 1.82 -31.58
CA LYS A 164 3.70 0.47 -32.12
C LYS A 164 4.37 -0.43 -31.07
N SER A 165 3.72 -1.57 -30.78
CA SER A 165 4.26 -2.57 -29.87
C SER A 165 5.29 -3.44 -30.58
N LEU A 166 6.40 -3.74 -29.88
CA LEU A 166 7.41 -4.65 -30.41
C LEU A 166 7.40 -5.94 -29.60
N ARG A 167 6.24 -6.20 -28.96
CA ARG A 167 6.05 -7.34 -28.06
C ARG A 167 4.55 -7.59 -27.93
N PRO A 168 4.04 -8.82 -28.24
CA PRO A 168 2.62 -9.10 -28.11
C PRO A 168 2.29 -9.31 -26.63
N LEU A 169 0.99 -9.27 -26.33
CA LEU A 169 0.46 -9.58 -25.01
C LEU A 169 0.34 -11.10 -24.89
N PRO A 170 0.73 -11.73 -23.76
CA PRO A 170 0.56 -13.18 -23.59
C PRO A 170 -0.90 -13.64 -23.43
N MET A 176 0.72 -16.73 -17.24
CA MET A 176 1.61 -15.82 -16.47
C MET A 176 1.68 -16.27 -15.01
N SER A 177 2.86 -16.71 -14.56
CA SER A 177 3.09 -16.99 -13.15
C SER A 177 3.05 -15.67 -12.36
N GLU A 178 2.89 -15.78 -11.03
CA GLU A 178 2.68 -14.62 -10.18
C GLU A 178 4.00 -13.92 -9.90
N GLU A 179 5.12 -14.66 -10.02
CA GLU A 179 6.44 -14.09 -9.89
C GLU A 179 6.97 -13.66 -11.26
N SER A 180 6.05 -13.51 -12.23
CA SER A 180 6.33 -12.83 -13.48
C SER A 180 5.38 -11.63 -13.63
N ARG A 181 4.21 -11.70 -13.01
CA ARG A 181 3.29 -10.58 -12.91
C ARG A 181 3.95 -9.42 -12.19
N VAL A 182 4.79 -9.76 -11.20
CA VAL A 182 5.43 -8.77 -10.34
C VAL A 182 6.65 -8.19 -11.02
N ARG A 183 7.32 -9.02 -11.83
CA ARG A 183 8.47 -8.62 -12.63
C ARG A 183 8.07 -7.67 -13.74
N GLN A 184 6.81 -7.77 -14.19
CA GLN A 184 6.30 -6.99 -15.31
C GLN A 184 4.89 -6.48 -15.01
N ARG A 185 4.79 -5.63 -13.99
CA ARG A 185 3.51 -5.13 -13.52
C ARG A 185 2.81 -4.37 -14.65
N TYR A 186 3.59 -3.82 -15.57
CA TYR A 186 3.08 -2.98 -16.66
C TYR A 186 2.30 -3.81 -17.66
N VAL A 187 2.63 -5.11 -17.81
CA VAL A 187 1.84 -5.99 -18.67
C VAL A 187 0.69 -6.52 -17.83
N ASP A 188 0.99 -6.88 -16.59
CA ASP A 188 -0.02 -7.37 -15.67
C ASP A 188 -1.20 -6.42 -15.71
N LEU A 189 -0.89 -5.13 -15.62
CA LEU A 189 -1.89 -4.08 -15.57
C LEU A 189 -2.68 -3.99 -16.87
N ILE A 190 -2.11 -4.48 -17.97
CA ILE A 190 -2.81 -4.42 -19.26
C ILE A 190 -3.73 -5.63 -19.40
N VAL A 191 -3.24 -6.80 -18.97
CA VAL A 191 -3.89 -8.07 -19.26
C VAL A 191 -4.94 -8.40 -18.20
N ARG A 192 -4.62 -8.13 -16.94
CA ARG A 192 -5.37 -8.63 -15.80
C ARG A 192 -6.16 -7.47 -15.18
N PRO A 193 -7.50 -7.45 -15.31
CA PRO A 193 -8.32 -6.45 -14.64
C PRO A 193 -7.95 -6.24 -13.18
N GLU A 194 -7.83 -7.34 -12.42
CA GLU A 194 -7.69 -7.31 -10.98
C GLU A 194 -6.47 -6.50 -10.59
N ALA A 195 -5.40 -6.60 -11.39
CA ALA A 195 -4.24 -5.74 -11.24
C ALA A 195 -4.66 -4.28 -11.31
N ARG A 196 -5.44 -3.94 -12.35
CA ARG A 196 -6.00 -2.59 -12.48
C ARG A 196 -6.70 -2.18 -11.20
N ALA A 197 -7.54 -3.06 -10.63
CA ALA A 197 -8.43 -2.71 -9.53
C ALA A 197 -7.64 -2.53 -8.23
N VAL A 198 -6.68 -3.44 -8.02
CA VAL A 198 -5.84 -3.44 -6.82
C VAL A 198 -4.99 -2.18 -6.77
N ALA A 199 -4.32 -1.86 -7.87
CA ALA A 199 -3.48 -0.66 -7.92
C ALA A 199 -4.30 0.55 -7.52
N ARG A 200 -5.51 0.66 -8.10
CA ARG A 200 -6.41 1.78 -7.87
C ARG A 200 -6.92 1.74 -6.42
N LEU A 201 -7.02 0.54 -5.83
CA LEU A 201 -7.47 0.40 -4.46
C LEU A 201 -6.45 1.00 -3.50
N ARG A 202 -5.21 0.53 -3.60
CA ARG A 202 -4.15 1.04 -2.76
C ARG A 202 -4.17 2.56 -2.72
N ILE A 203 -4.49 3.15 -3.88
CA ILE A 203 -4.44 4.58 -4.09
C ILE A 203 -5.61 5.21 -3.37
N ALA A 204 -6.80 4.59 -3.55
CA ALA A 204 -8.03 5.07 -2.96
C ALA A 204 -7.91 5.09 -1.44
N VAL A 205 -7.24 4.04 -0.93
CA VAL A 205 -7.05 3.78 0.49
C VAL A 205 -6.15 4.87 1.08
N VAL A 206 -5.07 5.19 0.36
CA VAL A 206 -4.05 6.13 0.81
C VAL A 206 -4.67 7.53 0.85
N ARG A 207 -5.60 7.80 -0.08
CA ARG A 207 -6.27 9.08 -0.12
C ARG A 207 -7.25 9.16 1.06
N ALA A 208 -7.97 8.07 1.28
CA ALA A 208 -8.88 7.94 2.41
C ALA A 208 -8.17 8.27 3.72
N ILE A 209 -6.96 7.70 3.91
CA ILE A 209 -6.19 7.97 5.12
C ILE A 209 -5.96 9.47 5.27
N ARG A 210 -5.56 10.13 4.17
CA ARG A 210 -5.18 11.53 4.19
C ARG A 210 -6.40 12.40 4.49
N THR A 211 -7.51 12.07 3.83
CA THR A 211 -8.78 12.72 4.10
C THR A 211 -9.07 12.61 5.60
N ALA A 212 -9.07 11.36 6.10
CA ALA A 212 -9.43 11.07 7.48
C ALA A 212 -8.61 11.94 8.44
N LEU A 213 -7.29 11.77 8.39
CA LEU A 213 -6.38 12.52 9.25
C LEU A 213 -6.55 14.02 9.06
N GLN A 214 -6.59 14.51 7.82
CA GLN A 214 -6.70 15.95 7.61
C GLN A 214 -7.99 16.50 8.24
N ARG A 215 -9.13 15.85 7.99
CA ARG A 215 -10.40 16.25 8.58
C ARG A 215 -10.27 16.46 10.10
N ARG A 216 -9.53 15.57 10.78
CA ARG A 216 -9.32 15.66 12.22
C ARG A 216 -8.27 16.73 12.59
N GLY A 217 -7.71 17.45 11.61
CA GLY A 217 -6.73 18.49 11.88
C GLY A 217 -5.28 17.99 11.97
N PHE A 218 -4.97 16.88 11.31
CA PHE A 218 -3.60 16.39 11.25
C PHE A 218 -2.83 17.06 10.11
N LEU A 219 -1.54 17.26 10.33
CA LEU A 219 -0.66 17.91 9.36
C LEU A 219 0.42 16.93 8.94
N GLU A 220 0.55 16.70 7.64
CA GLU A 220 1.52 15.74 7.15
C GLU A 220 2.86 16.44 7.08
N VAL A 221 3.93 15.74 7.44
CA VAL A 221 5.26 16.33 7.51
C VAL A 221 6.25 15.40 6.83
N GLU A 222 7.40 15.96 6.46
CA GLU A 222 8.48 15.21 5.87
C GLU A 222 9.68 15.23 6.83
N THR A 223 10.13 14.03 7.20
CA THR A 223 11.29 13.86 8.06
C THR A 223 12.37 13.08 7.31
N PRO A 224 13.65 13.15 7.74
CA PRO A 224 14.77 12.59 6.97
C PRO A 224 14.65 11.09 6.76
N VAL A 225 14.88 10.64 5.52
CA VAL A 225 15.09 9.24 5.27
C VAL A 225 16.55 8.90 5.61
N LEU A 226 17.49 9.75 5.22
CA LEU A 226 18.89 9.52 5.57
C LEU A 226 19.14 10.19 6.92
N GLN A 227 19.73 9.42 7.85
CA GLN A 227 19.92 9.85 9.22
C GLN A 227 21.29 9.37 9.68
N THR A 228 21.89 10.09 10.64
CA THR A 228 23.21 9.76 11.15
C THR A 228 23.13 8.47 11.97
N LEU A 229 22.02 8.28 12.73
CA LEU A 229 21.71 6.97 13.29
C LEU A 229 20.19 6.74 13.31
N ALA A 230 19.80 5.51 12.92
CA ALA A 230 18.42 5.14 12.66
C ALA A 230 17.79 4.46 13.87
N GLY A 231 16.55 4.86 14.19
CA GLY A 231 15.91 4.57 15.45
C GLY A 231 14.41 4.81 15.37
N GLY A 232 13.71 4.62 16.49
CA GLY A 232 12.26 4.69 16.52
C GLY A 232 11.61 3.34 16.22
N ALA A 233 12.45 2.32 16.04
CA ALA A 233 11.99 0.95 15.90
C ALA A 233 13.17 0.00 16.08
N ALA A 234 12.89 -1.32 15.99
CA ALA A 234 13.90 -2.34 16.22
C ALA A 234 14.09 -3.19 14.96
N ALA A 235 15.09 -2.82 14.15
CA ALA A 235 15.51 -3.64 13.01
C ALA A 235 16.89 -3.21 12.52
N ARG A 236 17.56 -4.09 11.78
CA ARG A 236 18.85 -3.81 11.16
C ARG A 236 18.63 -2.77 10.05
N PRO A 237 19.29 -1.59 10.13
CA PRO A 237 19.13 -0.55 9.11
C PRO A 237 19.92 -0.83 7.84
N PHE A 238 19.60 -0.08 6.79
CA PHE A 238 20.41 -0.06 5.58
C PHE A 238 21.47 1.03 5.68
N ALA A 239 22.72 0.67 5.35
CA ALA A 239 23.84 1.59 5.40
C ALA A 239 24.26 1.99 4.00
N THR A 240 24.40 3.30 3.76
CA THR A 240 24.87 3.82 2.50
C THR A 240 25.98 4.82 2.79
N HIS A 241 26.97 4.90 1.90
CA HIS A 241 28.09 5.78 2.12
C HIS A 241 27.85 7.08 1.35
N SER A 242 28.13 8.20 2.03
CA SER A 242 28.02 9.54 1.46
C SER A 242 29.37 9.99 0.90
N ASN A 243 29.33 10.65 -0.26
CA ASN A 243 30.51 11.24 -0.86
C ASN A 243 30.74 12.61 -0.23
N ALA A 244 29.67 13.39 -0.13
CA ALA A 244 29.70 14.76 0.38
C ALA A 244 30.38 14.84 1.75
N LEU A 245 30.25 13.80 2.59
CA LEU A 245 30.68 13.88 3.99
C LEU A 245 31.74 12.84 4.34
N ASP A 246 31.80 11.75 3.56
CA ASP A 246 32.73 10.66 3.79
C ASP A 246 32.40 9.95 5.10
N ILE A 247 31.12 10.02 5.52
CA ILE A 247 30.60 9.22 6.61
C ILE A 247 29.53 8.29 6.05
N ASP A 248 29.28 7.18 6.75
CA ASP A 248 28.14 6.31 6.45
C ASP A 248 26.85 6.97 6.92
N LEU A 249 25.74 6.62 6.28
CA LEU A 249 24.44 7.10 6.70
C LEU A 249 23.45 5.94 6.62
N TYR A 250 22.38 6.04 7.39
CA TYR A 250 21.43 4.94 7.49
C TYR A 250 20.07 5.46 7.07
N LEU A 251 19.42 4.67 6.21
CA LEU A 251 18.05 4.90 5.80
C LEU A 251 17.18 4.62 7.02
N ARG A 252 16.10 5.38 7.14
CA ARG A 252 15.31 5.30 8.35
C ARG A 252 14.61 3.95 8.36
N ILE A 253 14.53 3.39 9.58
CA ILE A 253 13.71 2.24 9.91
C ILE A 253 12.34 2.75 10.38
N ALA A 254 12.28 3.97 10.93
CA ALA A 254 11.02 4.62 11.21
C ALA A 254 11.16 6.10 11.59
N PRO A 255 10.10 6.92 11.36
CA PRO A 255 10.12 8.36 11.65
C PRO A 255 9.84 8.87 13.06
N GLU A 256 9.54 7.93 13.97
CA GLU A 256 9.09 8.25 15.32
C GLU A 256 9.97 9.32 15.96
N LEU A 257 11.28 9.08 16.01
CA LEU A 257 12.17 9.92 16.80
C LEU A 257 12.12 11.36 16.27
N PHE A 258 12.07 11.50 14.94
CA PHE A 258 11.99 12.81 14.29
C PHE A 258 10.57 13.39 14.41
N LEU A 259 9.56 12.53 14.25
CA LEU A 259 8.19 12.95 14.48
C LEU A 259 8.02 13.46 15.91
N LYS A 260 8.78 12.89 16.87
CA LYS A 260 8.68 13.28 18.26
C LYS A 260 9.27 14.68 18.46
N ARG A 261 10.41 14.95 17.83
CA ARG A 261 11.02 16.28 17.85
C ARG A 261 10.00 17.33 17.41
N CYS A 262 9.17 16.98 16.42
CA CYS A 262 8.11 17.86 15.93
C CYS A 262 7.12 18.22 17.03
N ILE A 263 6.76 17.24 17.88
CA ILE A 263 5.81 17.45 18.96
C ILE A 263 6.42 18.39 20.01
N VAL A 264 7.69 18.17 20.37
CA VAL A 264 8.42 19.17 21.13
C VAL A 264 8.19 20.51 20.44
N GLY A 265 8.38 20.53 19.10
CA GLY A 265 8.35 21.73 18.29
C GLY A 265 7.07 22.56 18.44
N GLY A 266 5.97 21.94 18.85
CA GLY A 266 4.71 22.66 18.96
C GLY A 266 3.64 22.11 18.03
N PHE A 267 3.95 21.01 17.33
CA PHE A 267 2.93 20.34 16.56
C PHE A 267 1.92 19.72 17.54
N ASP A 268 0.66 20.13 17.39
CA ASP A 268 -0.48 19.52 18.05
C ASP A 268 -0.67 18.11 17.46
N LYS A 269 -0.83 18.01 16.13
CA LYS A 269 -1.26 16.79 15.49
C LYS A 269 -0.53 16.58 14.17
N VAL A 270 0.24 15.49 14.08
CA VAL A 270 1.14 15.29 12.95
C VAL A 270 1.04 13.84 12.51
N PHE A 271 1.44 13.60 11.25
CA PHE A 271 1.63 12.26 10.74
C PHE A 271 2.55 12.28 9.54
N GLU A 272 2.87 11.09 9.03
CA GLU A 272 3.80 10.95 7.93
C GLU A 272 3.58 9.57 7.31
N LEU A 273 3.12 9.56 6.06
CA LEU A 273 2.85 8.35 5.29
C LEU A 273 3.94 8.21 4.22
N ASN A 274 4.76 7.16 4.32
CA ASN A 274 6.01 7.13 3.57
C ASN A 274 6.84 5.89 3.91
N ARG A 275 7.68 5.49 2.96
CA ARG A 275 8.47 4.27 3.05
C ARG A 275 9.38 4.30 4.27
N VAL A 276 9.58 3.11 4.85
CA VAL A 276 10.66 2.90 5.79
C VAL A 276 11.45 1.69 5.32
N PHE A 277 12.64 1.47 5.92
CA PHE A 277 13.59 0.52 5.38
C PHE A 277 14.20 -0.29 6.51
N ARG A 278 13.91 -1.61 6.49
CA ARG A 278 14.37 -2.55 7.49
C ARG A 278 15.17 -3.67 6.80
N ASN A 279 16.47 -3.70 7.11
CA ASN A 279 17.42 -4.52 6.37
C ASN A 279 17.35 -5.96 6.86
N GLU A 280 16.24 -6.64 6.51
CA GLU A 280 15.92 -7.94 7.08
C GLU A 280 15.22 -8.79 6.03
N GLY A 281 14.84 -10.01 6.43
CA GLY A 281 14.28 -10.99 5.52
C GLY A 281 12.85 -10.66 5.11
N ALA A 282 12.40 -11.27 4.02
CA ALA A 282 11.06 -11.08 3.53
C ALA A 282 10.24 -12.33 3.80
N ASP A 283 8.99 -12.12 4.24
CA ASP A 283 8.00 -13.16 4.41
C ASP A 283 6.67 -12.55 4.02
N SER A 284 5.57 -13.26 4.27
CA SER A 284 4.28 -12.84 3.73
C SER A 284 3.72 -11.63 4.45
N THR A 285 4.33 -11.23 5.58
CA THR A 285 3.91 -10.02 6.29
C THR A 285 5.06 -9.03 6.37
N HIS A 286 6.25 -9.40 5.88
CA HIS A 286 7.43 -8.55 6.03
C HIS A 286 8.14 -8.35 4.68
N SER A 287 8.45 -7.08 4.37
CA SER A 287 9.31 -6.71 3.26
C SER A 287 10.28 -5.61 3.67
N PRO A 288 11.48 -5.52 3.07
CA PRO A 288 12.54 -4.63 3.56
C PRO A 288 12.31 -3.15 3.29
N GLU A 289 11.46 -2.87 2.31
CA GLU A 289 10.98 -1.53 2.03
C GLU A 289 9.46 -1.61 1.99
N PHE A 290 8.80 -0.86 2.86
CA PHE A 290 7.35 -0.82 2.84
C PHE A 290 6.88 0.55 3.28
N SER A 291 5.64 0.85 2.89
CA SER A 291 5.00 2.10 3.21
C SER A 291 4.30 1.97 4.57
N MET A 292 4.31 3.06 5.34
CA MET A 292 4.01 3.02 6.75
C MET A 292 3.45 4.36 7.22
N LEU A 293 2.35 4.31 7.97
CA LEU A 293 1.75 5.47 8.60
C LEU A 293 2.26 5.57 10.04
N GLU A 294 2.53 6.80 10.49
CA GLU A 294 2.70 7.12 11.90
C GLU A 294 1.93 8.41 12.17
N THR A 295 1.57 8.58 13.45
CA THR A 295 0.55 9.53 13.88
C THR A 295 0.90 9.94 15.30
N TYR A 296 0.71 11.23 15.64
CA TYR A 296 0.93 11.68 17.00
C TYR A 296 -0.01 12.82 17.34
N GLN A 297 -0.69 12.67 18.49
CA GLN A 297 -1.66 13.62 18.98
C GLN A 297 -1.26 14.00 20.40
N THR A 298 -1.23 15.30 20.71
CA THR A 298 -0.97 15.76 22.06
C THR A 298 -2.26 15.69 22.88
N TYR A 299 -2.12 15.44 24.19
CA TYR A 299 -3.24 15.43 25.14
C TYR A 299 -4.25 14.33 24.80
N GLY A 300 -3.71 13.13 24.52
CA GLY A 300 -4.47 11.90 24.48
C GLY A 300 -3.54 10.72 24.76
N THR A 301 -4.13 9.60 25.18
CA THR A 301 -3.40 8.41 25.57
C THR A 301 -3.69 7.29 24.57
N TYR A 302 -3.12 6.11 24.82
CA TYR A 302 -3.31 4.96 23.95
C TYR A 302 -4.79 4.59 23.87
N ASP A 303 -5.60 4.95 24.86
CA ASP A 303 -7.03 4.71 24.77
C ASP A 303 -7.65 5.64 23.72
N ASP A 304 -7.11 6.84 23.60
CA ASP A 304 -7.60 7.79 22.60
C ASP A 304 -7.20 7.31 21.20
N SER A 305 -5.94 6.90 21.04
CA SER A 305 -5.40 6.64 19.71
C SER A 305 -5.96 5.34 19.14
N ALA A 306 -6.58 4.52 19.98
CA ALA A 306 -7.20 3.28 19.53
C ALA A 306 -8.62 3.55 19.06
N VAL A 307 -9.26 4.61 19.58
CA VAL A 307 -10.58 4.95 19.10
C VAL A 307 -10.39 5.42 17.66
N VAL A 308 -9.37 6.28 17.45
CA VAL A 308 -9.10 6.91 16.17
C VAL A 308 -8.74 5.82 15.16
N THR A 309 -7.78 4.97 15.53
CA THR A 309 -7.31 3.92 14.64
C THR A 309 -8.50 3.11 14.12
N ARG A 310 -9.45 2.76 15.00
CA ARG A 310 -10.62 2.01 14.58
C ARG A 310 -11.41 2.86 13.57
N GLU A 311 -11.80 4.07 13.96
CA GLU A 311 -12.57 4.96 13.09
C GLU A 311 -11.85 5.14 11.74
N LEU A 312 -10.53 5.36 11.82
CA LEU A 312 -9.68 5.53 10.66
C LEU A 312 -9.89 4.33 9.73
N ILE A 313 -9.49 3.15 10.20
CA ILE A 313 -9.61 1.90 9.45
C ILE A 313 -11.02 1.74 8.86
N GLN A 314 -12.06 2.03 9.63
CA GLN A 314 -13.43 1.79 9.17
C GLN A 314 -13.80 2.81 8.11
N GLU A 315 -13.35 4.06 8.32
CA GLU A 315 -13.58 5.14 7.36
C GLU A 315 -12.89 4.79 6.05
N VAL A 316 -11.67 4.22 6.14
CA VAL A 316 -10.95 3.75 4.96
C VAL A 316 -11.76 2.67 4.24
N ALA A 317 -12.36 1.75 4.99
CA ALA A 317 -13.14 0.69 4.36
C ALA A 317 -14.28 1.32 3.55
N ASP A 318 -14.93 2.32 4.16
CA ASP A 318 -16.13 2.93 3.60
C ASP A 318 -15.81 3.61 2.27
N GLU A 319 -14.71 4.39 2.25
CA GLU A 319 -14.36 5.19 1.10
C GLU A 319 -13.87 4.28 -0.01
N ALA A 320 -12.92 3.41 0.31
CA ALA A 320 -12.15 2.69 -0.68
C ALA A 320 -12.86 1.40 -1.11
N ILE A 321 -13.73 0.85 -0.27
CA ILE A 321 -14.29 -0.48 -0.51
C ILE A 321 -15.81 -0.44 -0.56
N GLY A 322 -16.45 0.41 0.26
CA GLY A 322 -17.89 0.63 0.18
C GLY A 322 -18.68 -0.26 1.15
N THR A 323 -17.97 -1.12 1.88
CA THR A 323 -18.59 -2.05 2.82
C THR A 323 -17.64 -2.29 3.99
N ARG A 324 -18.20 -2.52 5.18
CA ARG A 324 -17.41 -3.01 6.32
C ARG A 324 -17.61 -4.51 6.48
N GLN A 325 -18.38 -5.11 5.57
CA GLN A 325 -18.50 -6.55 5.45
C GLN A 325 -17.63 -7.00 4.29
N LEU A 326 -16.36 -7.34 4.61
CA LEU A 326 -15.31 -7.48 3.62
C LEU A 326 -15.35 -8.86 2.97
N PRO A 327 -15.65 -8.96 1.65
CA PRO A 327 -15.60 -10.25 0.95
C PRO A 327 -14.14 -10.65 0.72
N LEU A 328 -13.87 -11.97 0.75
CA LEU A 328 -12.53 -12.50 0.76
C LEU A 328 -12.40 -13.58 -0.32
N PRO A 329 -11.16 -13.98 -0.68
CA PRO A 329 -10.93 -14.97 -1.74
C PRO A 329 -11.73 -16.27 -1.68
N ASP A 330 -11.85 -16.85 -0.48
CA ASP A 330 -12.57 -18.09 -0.27
C ASP A 330 -14.08 -17.87 -0.38
N GLY A 331 -14.50 -16.61 -0.55
CA GLY A 331 -15.92 -16.29 -0.70
C GLY A 331 -16.56 -15.84 0.62
N SER A 332 -15.82 -15.98 1.74
CA SER A 332 -16.33 -15.58 3.05
C SER A 332 -16.41 -14.05 3.19
N VAL A 333 -16.84 -13.60 4.38
CA VAL A 333 -16.98 -12.18 4.68
C VAL A 333 -16.49 -11.91 6.10
N TYR A 334 -15.52 -10.99 6.23
CA TYR A 334 -15.02 -10.56 7.53
C TYR A 334 -15.71 -9.26 7.90
N ASP A 335 -16.45 -9.27 9.01
CA ASP A 335 -17.11 -8.07 9.49
C ASP A 335 -16.12 -7.25 10.34
N ILE A 336 -15.94 -5.96 9.99
CA ILE A 336 -15.14 -5.05 10.79
C ILE A 336 -15.98 -3.87 11.31
N ASP A 337 -17.31 -4.00 11.23
CA ASP A 337 -18.23 -2.94 11.64
C ASP A 337 -18.29 -2.90 13.17
N GLY A 338 -19.13 -2.00 13.70
CA GLY A 338 -19.32 -1.83 15.13
C GLY A 338 -18.01 -1.80 15.93
N GLU A 339 -18.13 -2.18 17.21
CA GLU A 339 -17.11 -1.91 18.23
C GLU A 339 -16.18 -3.10 18.35
N TRP A 340 -14.95 -2.84 18.81
CA TRP A 340 -13.88 -3.85 18.80
C TRP A 340 -13.33 -4.13 20.19
N ALA A 341 -12.93 -5.39 20.39
CA ALA A 341 -12.68 -5.92 21.73
C ALA A 341 -11.27 -5.56 22.18
N THR A 342 -11.13 -5.21 23.47
CA THR A 342 -9.83 -5.00 24.07
C THR A 342 -9.56 -6.11 25.08
N ILE A 343 -8.32 -6.61 25.10
CA ILE A 343 -7.87 -7.56 26.10
C ILE A 343 -6.53 -7.08 26.64
N GLN A 344 -6.17 -7.58 27.82
CA GLN A 344 -4.90 -7.29 28.46
C GLN A 344 -3.98 -8.49 28.26
N MET A 345 -2.68 -8.22 28.12
CA MET A 345 -1.77 -9.24 27.62
C MET A 345 -1.60 -10.32 28.67
N TYR A 346 -1.15 -9.91 29.87
CA TYR A 346 -0.92 -10.79 31.02
C TYR A 346 -2.21 -11.54 31.41
N PRO A 347 -3.31 -10.83 31.78
CA PRO A 347 -4.60 -11.47 32.04
C PRO A 347 -5.03 -12.52 31.02
N SER A 348 -5.04 -12.14 29.74
CA SER A 348 -5.47 -13.02 28.66
C SER A 348 -4.49 -14.18 28.51
N LEU A 349 -3.20 -13.92 28.78
CA LEU A 349 -2.21 -14.98 28.67
C LEU A 349 -2.43 -15.94 29.82
N SER A 350 -2.70 -15.38 31.01
CA SER A 350 -3.02 -16.14 32.20
C SER A 350 -4.20 -17.10 31.95
N VAL A 351 -5.35 -16.58 31.51
CA VAL A 351 -6.50 -17.42 31.24
C VAL A 351 -6.12 -18.59 30.34
N ALA A 352 -5.36 -18.32 29.27
CA ALA A 352 -5.13 -19.33 28.25
C ALA A 352 -4.14 -20.40 28.74
N LEU A 353 -3.23 -20.00 29.65
CA LEU A 353 -2.27 -20.93 30.24
C LEU A 353 -2.85 -21.65 31.45
N GLY A 354 -3.90 -21.05 32.05
CA GLY A 354 -4.49 -21.58 33.26
C GLY A 354 -3.62 -21.34 34.49
N GLU A 355 -2.87 -20.22 34.50
CA GLU A 355 -2.07 -19.86 35.67
C GLU A 355 -1.71 -18.38 35.62
N GLU A 356 -1.45 -17.79 36.80
CA GLU A 356 -1.29 -16.35 36.92
C GLU A 356 0.13 -15.96 36.45
N ILE A 357 0.17 -15.24 35.33
CA ILE A 357 1.39 -14.64 34.80
C ILE A 357 1.33 -13.14 35.07
N THR A 358 2.44 -12.55 35.52
CA THR A 358 2.48 -11.12 35.83
C THR A 358 3.86 -10.58 35.48
N PRO A 359 4.06 -9.24 35.53
CA PRO A 359 5.41 -8.64 35.51
C PRO A 359 6.43 -9.35 36.38
N GLN A 360 5.98 -9.90 37.53
CA GLN A 360 6.84 -10.54 38.53
C GLN A 360 7.26 -11.96 38.09
N THR A 361 6.36 -12.70 37.44
CA THR A 361 6.68 -14.05 36.97
C THR A 361 8.10 -14.09 36.40
N THR A 362 8.92 -15.04 36.88
CA THR A 362 10.33 -15.08 36.52
C THR A 362 10.52 -15.77 35.19
N VAL A 363 11.73 -15.63 34.64
CA VAL A 363 12.03 -16.07 33.28
C VAL A 363 12.23 -17.58 33.31
N ASP A 364 12.67 -18.07 34.47
CA ASP A 364 12.84 -19.49 34.71
C ASP A 364 11.48 -20.18 34.65
N ARG A 365 10.45 -19.49 35.16
CA ARG A 365 9.09 -20.01 35.06
C ARG A 365 8.64 -19.95 33.61
N LEU A 366 8.88 -18.81 32.93
CA LEU A 366 8.35 -18.61 31.59
C LEU A 366 9.05 -19.57 30.63
N ARG A 367 10.37 -19.65 30.71
CA ARG A 367 11.10 -20.59 29.88
C ARG A 367 10.44 -21.97 29.99
N GLY A 368 10.07 -22.35 31.21
CA GLY A 368 9.48 -23.66 31.47
C GLY A 368 8.17 -23.87 30.71
N ILE A 369 7.19 -22.99 30.95
CA ILE A 369 5.92 -23.02 30.24
C ILE A 369 6.19 -23.06 28.73
N ALA A 370 7.17 -22.25 28.31
CA ALA A 370 7.56 -22.13 26.92
C ALA A 370 7.98 -23.49 26.37
N ASP A 371 8.86 -24.19 27.09
CA ASP A 371 9.26 -25.53 26.69
C ASP A 371 8.04 -26.44 26.56
N SER A 372 7.23 -26.52 27.62
CA SER A 372 6.20 -27.54 27.71
C SER A 372 5.10 -27.33 26.66
N LEU A 373 5.26 -26.35 25.76
CA LEU A 373 4.48 -26.29 24.54
C LEU A 373 5.37 -26.68 23.36
N GLY A 374 6.40 -25.87 23.08
CA GLY A 374 7.40 -26.18 22.06
C GLY A 374 7.94 -24.93 21.40
N PHE A 387 15.83 -14.59 24.95
CA PHE A 387 16.55 -14.16 26.18
C PHE A 387 15.54 -14.08 27.33
N GLY A 388 14.90 -12.91 27.51
CA GLY A 388 14.40 -12.44 28.80
C GLY A 388 12.87 -12.40 28.89
N HIS A 389 12.35 -11.62 29.86
CA HIS A 389 10.98 -11.71 30.33
C HIS A 389 10.01 -11.22 29.27
N GLY A 390 10.12 -9.92 28.93
CA GLY A 390 9.28 -9.28 27.94
C GLY A 390 9.13 -10.12 26.68
N LYS A 391 10.26 -10.58 26.12
CA LYS A 391 10.25 -11.37 24.90
C LYS A 391 9.36 -12.59 25.16
N LEU A 392 9.61 -13.25 26.28
CA LEU A 392 8.90 -14.47 26.63
C LEU A 392 7.40 -14.23 26.74
N ILE A 393 6.97 -13.14 27.40
CA ILE A 393 5.54 -12.87 27.57
C ILE A 393 4.86 -12.76 26.21
N GLU A 394 5.43 -11.93 25.33
CA GLU A 394 4.89 -11.64 24.01
C GLU A 394 4.87 -12.91 23.16
N GLU A 395 5.95 -13.69 23.26
CA GLU A 395 6.13 -14.96 22.55
C GLU A 395 5.01 -15.93 22.92
N LEU A 396 4.81 -16.09 24.24
CA LEU A 396 3.84 -17.02 24.78
C LEU A 396 2.43 -16.53 24.45
N TRP A 397 2.22 -15.23 24.58
CA TRP A 397 0.92 -14.65 24.29
C TRP A 397 0.57 -14.91 22.84
N GLU A 398 1.49 -14.56 21.93
CA GLU A 398 1.26 -14.66 20.50
C GLU A 398 0.99 -16.12 20.16
N ARG A 399 1.76 -17.03 20.77
CA ARG A 399 1.71 -18.44 20.44
C ARG A 399 0.46 -19.11 21.02
N THR A 400 -0.25 -18.46 21.95
CA THR A 400 -1.47 -19.05 22.51
C THR A 400 -2.70 -18.24 22.10
N VAL A 401 -2.86 -17.05 22.70
CA VAL A 401 -4.00 -16.17 22.47
C VAL A 401 -3.95 -15.59 21.07
N GLY A 402 -2.79 -15.05 20.69
CA GLY A 402 -2.60 -14.40 19.40
C GLY A 402 -3.27 -15.18 18.28
N LYS A 403 -2.85 -16.43 18.10
CA LYS A 403 -3.25 -17.25 16.95
C LYS A 403 -4.71 -17.69 17.05
N SER A 404 -5.35 -17.53 18.20
CA SER A 404 -6.74 -17.93 18.34
C SER A 404 -7.68 -16.90 17.69
N LEU A 405 -7.28 -15.62 17.75
CA LEU A 405 -8.15 -14.47 17.49
C LEU A 405 -8.73 -14.46 16.07
N SER A 406 -10.02 -14.15 15.97
CA SER A 406 -10.64 -13.92 14.68
C SER A 406 -11.01 -12.44 14.55
N ALA A 407 -12.00 -12.00 15.34
CA ALA A 407 -12.59 -10.69 15.18
C ALA A 407 -11.56 -9.59 15.44
N PRO A 408 -11.78 -8.36 14.94
CA PRO A 408 -10.86 -7.25 15.21
C PRO A 408 -10.66 -7.06 16.71
N THR A 409 -9.39 -7.04 17.13
CA THR A 409 -9.05 -7.11 18.54
C THR A 409 -7.83 -6.26 18.86
N PHE A 410 -7.96 -5.46 19.91
CA PHE A 410 -6.86 -4.75 20.52
C PHE A 410 -6.30 -5.56 21.68
N VAL A 411 -4.99 -5.49 21.91
CA VAL A 411 -4.35 -6.16 23.02
C VAL A 411 -3.44 -5.15 23.71
N LYS A 412 -3.65 -4.92 25.01
CA LYS A 412 -3.04 -3.75 25.62
C LYS A 412 -2.34 -4.12 26.91
N ASP A 413 -1.47 -3.20 27.35
CA ASP A 413 -0.72 -3.31 28.60
C ASP A 413 0.42 -4.32 28.40
N PHE A 414 1.58 -3.80 27.97
CA PHE A 414 2.66 -4.62 27.43
C PHE A 414 3.87 -4.67 28.38
N PRO A 415 4.69 -5.73 28.29
CA PRO A 415 5.96 -5.82 29.01
C PRO A 415 6.89 -4.62 28.82
N VAL A 416 7.35 -4.06 29.94
CA VAL A 416 8.26 -2.93 29.98
C VAL A 416 9.49 -3.17 29.10
N GLN A 417 10.06 -4.37 29.14
CA GLN A 417 11.34 -4.66 28.50
C GLN A 417 11.29 -4.32 27.01
N THR A 418 10.21 -4.72 26.34
CA THR A 418 10.13 -4.72 24.88
C THR A 418 9.39 -3.48 24.39
N THR A 419 9.36 -2.41 25.18
CA THR A 419 8.63 -1.21 24.81
C THR A 419 9.39 0.02 25.34
N PRO A 420 10.67 0.20 24.93
CA PRO A 420 11.50 1.32 25.41
C PRO A 420 10.95 2.73 25.28
N LEU A 421 10.04 2.95 24.31
CA LEU A 421 9.61 4.29 23.92
C LEU A 421 8.24 4.66 24.51
N THR A 422 7.51 3.66 25.02
CA THR A 422 6.16 3.91 25.49
C THR A 422 6.17 4.03 27.01
N ARG A 423 5.42 5.03 27.48
CA ARG A 423 5.32 5.35 28.90
C ARG A 423 4.99 4.10 29.72
N GLN A 424 5.53 4.08 30.95
CA GLN A 424 5.06 3.19 32.00
C GLN A 424 3.56 3.40 32.23
N HIS A 425 2.84 2.30 32.52
CA HIS A 425 1.40 2.32 32.78
C HIS A 425 1.12 3.13 34.03
N ARG A 426 0.01 3.89 33.98
CA ARG A 426 -0.30 4.93 34.95
C ARG A 426 -0.64 4.37 36.33
N SER A 427 -1.08 3.10 36.37
CA SER A 427 -1.49 2.50 37.63
C SER A 427 -0.82 1.13 37.80
N ILE A 428 -0.94 0.24 36.79
CA ILE A 428 -0.36 -1.09 36.87
C ILE A 428 1.16 -0.99 36.88
N PRO A 429 1.87 -1.53 37.90
CA PRO A 429 3.34 -1.59 37.84
C PRO A 429 3.79 -2.66 36.86
N GLY A 430 4.96 -2.44 36.24
CA GLY A 430 5.59 -3.45 35.42
C GLY A 430 5.26 -3.38 33.93
N VAL A 431 4.14 -2.71 33.54
CA VAL A 431 3.71 -2.71 32.13
C VAL A 431 3.69 -1.29 31.55
N THR A 432 3.71 -1.21 30.21
CA THR A 432 3.63 0.06 29.48
C THR A 432 2.27 0.18 28.77
N GLU A 433 1.83 1.43 28.58
CA GLU A 433 0.57 1.71 27.91
C GLU A 433 0.73 1.67 26.39
N LYS A 434 0.98 0.46 25.88
CA LYS A 434 1.02 0.21 24.46
C LYS A 434 -0.10 -0.75 24.10
N TRP A 435 -0.69 -0.56 22.91
CA TRP A 435 -1.55 -1.57 22.33
C TRP A 435 -1.05 -1.99 20.95
N ASP A 436 -1.46 -3.22 20.57
CA ASP A 436 -1.41 -3.72 19.21
C ASP A 436 -2.84 -4.01 18.76
N LEU A 437 -3.11 -3.90 17.46
CA LEU A 437 -4.41 -4.23 16.89
C LEU A 437 -4.25 -5.43 15.98
N TYR A 438 -4.95 -6.53 16.27
CA TYR A 438 -4.92 -7.69 15.38
C TYR A 438 -6.22 -7.71 14.60
N LEU A 439 -6.11 -7.46 13.28
CA LEU A 439 -7.27 -7.42 12.42
C LEU A 439 -7.17 -8.56 11.41
N ARG A 440 -8.25 -9.35 11.29
CA ARG A 440 -8.28 -10.56 10.50
C ARG A 440 -6.98 -11.35 10.68
N GLY A 441 -6.52 -11.42 11.94
CA GLY A 441 -5.42 -12.29 12.33
C GLY A 441 -4.07 -11.77 11.87
N ILE A 442 -3.96 -10.45 11.67
CA ILE A 442 -2.73 -9.84 11.18
C ILE A 442 -2.36 -8.69 12.10
N GLU A 443 -1.07 -8.60 12.42
CA GLU A 443 -0.57 -7.54 13.30
C GLU A 443 -0.56 -6.25 12.48
N LEU A 444 -1.64 -5.48 12.58
CA LEU A 444 -1.93 -4.37 11.68
C LEU A 444 -1.24 -3.10 12.18
N ALA A 445 -1.39 -2.81 13.47
CA ALA A 445 -1.13 -1.48 13.98
C ALA A 445 -0.79 -1.51 15.47
N THR A 446 -0.18 -0.41 15.94
CA THR A 446 0.33 -0.26 17.30
C THR A 446 0.00 1.15 17.76
N GLY A 447 -0.28 1.32 19.06
CA GLY A 447 -0.43 2.65 19.65
C GLY A 447 0.25 2.74 21.03
N TYR A 448 0.82 3.90 21.33
CA TYR A 448 1.47 4.16 22.60
C TYR A 448 0.85 5.38 23.25
N SER A 449 0.79 5.40 24.59
CA SER A 449 1.00 6.63 25.33
C SER A 449 2.51 6.84 25.41
N GLU A 450 3.01 7.94 24.84
CA GLU A 450 4.41 8.08 24.52
C GLU A 450 5.19 8.51 25.76
N LEU A 451 6.35 7.87 25.98
CA LEU A 451 7.24 8.21 27.07
C LEU A 451 7.88 9.57 26.82
N SER A 452 7.61 10.54 27.71
CA SER A 452 8.19 11.86 27.58
C SER A 452 9.23 12.18 28.66
N ASP A 453 9.42 11.28 29.65
CA ASP A 453 10.44 11.48 30.67
C ASP A 453 11.81 11.19 30.08
N PRO A 454 12.69 12.21 29.97
CA PRO A 454 14.00 12.03 29.35
C PRO A 454 14.95 11.13 30.15
N VAL A 455 14.85 11.19 31.49
CA VAL A 455 15.81 10.47 32.33
C VAL A 455 15.45 8.99 32.27
N VAL A 456 14.16 8.67 32.40
CA VAL A 456 13.69 7.31 32.16
C VAL A 456 14.13 6.88 30.77
N GLN A 457 13.93 7.77 29.78
CA GLN A 457 14.15 7.42 28.38
C GLN A 457 15.63 7.16 28.19
N ARG A 458 16.48 7.97 28.81
CA ARG A 458 17.92 7.72 28.80
C ARG A 458 18.21 6.36 29.42
N GLU A 459 17.67 6.12 30.63
CA GLU A 459 17.82 4.84 31.30
C GLU A 459 17.44 3.72 30.33
N ARG A 460 16.20 3.78 29.82
CA ARG A 460 15.66 2.73 28.96
C ARG A 460 16.66 2.39 27.86
N PHE A 461 17.23 3.41 27.21
CA PHE A 461 18.11 3.22 26.07
C PHE A 461 19.40 2.53 26.48
N ALA A 462 20.04 3.00 27.55
CA ALA A 462 21.35 2.51 27.97
C ALA A 462 21.30 0.99 28.18
N ASP A 463 20.24 0.51 28.83
CA ASP A 463 20.04 -0.91 29.05
C ASP A 463 19.91 -1.64 27.71
N GLN A 464 19.26 -0.99 26.73
CA GLN A 464 19.05 -1.59 25.41
C GLN A 464 20.40 -1.82 24.73
N ALA A 465 21.32 -0.86 24.89
CA ALA A 465 22.64 -0.91 24.28
C ALA A 465 23.51 -2.01 24.91
N ARG A 466 23.31 -2.28 26.20
CA ARG A 466 24.19 -3.14 26.98
C ARG A 466 24.26 -4.55 26.39
N ALA A 467 23.34 -4.87 25.47
CA ALA A 467 23.50 -6.02 24.58
C ALA A 467 22.98 -5.65 23.18
N MET A 476 28.93 2.28 23.03
CA MET A 476 27.65 2.66 23.72
C MET A 476 27.22 4.03 23.21
N VAL A 477 26.69 4.08 21.98
CA VAL A 477 26.31 5.34 21.38
C VAL A 477 24.78 5.46 21.36
N LEU A 478 24.28 6.41 22.15
CA LEU A 478 22.85 6.71 22.22
C LEU A 478 22.55 7.96 21.39
N ASP A 479 21.27 8.10 20.99
CA ASP A 479 20.78 9.20 20.19
C ASP A 479 20.60 10.42 21.09
N GLU A 480 21.69 11.18 21.31
CA GLU A 480 21.73 12.19 22.36
C GLU A 480 20.90 13.40 21.94
N ASP A 481 20.79 13.64 20.63
CA ASP A 481 19.96 14.73 20.15
C ASP A 481 18.49 14.38 20.38
N PHE A 482 18.10 13.13 20.09
CA PHE A 482 16.75 12.71 20.46
C PHE A 482 16.56 13.11 21.92
N LEU A 483 17.47 12.64 22.79
CA LEU A 483 17.30 12.80 24.24
C LEU A 483 17.28 14.27 24.62
N ALA A 484 18.07 15.10 23.92
CA ALA A 484 18.09 16.54 24.18
C ALA A 484 16.69 17.12 23.98
N ALA A 485 16.06 16.76 22.86
CA ALA A 485 14.75 17.27 22.48
C ALA A 485 13.74 17.01 23.59
N LEU A 486 13.74 15.79 24.14
CA LEU A 486 12.81 15.40 25.17
C LEU A 486 13.01 16.25 26.42
N GLU A 487 14.28 16.59 26.71
CA GLU A 487 14.57 17.40 27.89
C GLU A 487 14.38 18.89 27.61
N TYR A 488 13.73 19.26 26.48
CA TYR A 488 13.20 20.61 26.35
C TYR A 488 11.74 20.56 26.73
N GLY A 489 11.15 19.35 26.72
CA GLY A 489 9.79 19.13 27.20
C GLY A 489 8.85 18.67 26.10
N MET A 490 8.49 17.39 26.10
CA MET A 490 7.49 16.88 25.18
C MET A 490 6.15 16.73 25.91
N PRO A 491 5.07 17.42 25.49
CA PRO A 491 3.76 17.26 26.12
C PRO A 491 3.27 15.83 25.93
N PRO A 492 2.32 15.38 26.77
CA PRO A 492 1.84 14.01 26.71
C PRO A 492 1.17 13.81 25.36
N CYS A 493 1.54 12.74 24.68
CA CYS A 493 1.00 12.45 23.37
C CYS A 493 0.87 10.94 23.19
N THR A 494 -0.13 10.52 22.41
CA THR A 494 -0.21 9.14 21.99
C THR A 494 0.22 9.06 20.52
N GLY A 495 1.20 8.21 20.23
CA GLY A 495 1.56 7.89 18.86
C GLY A 495 0.83 6.62 18.40
N THR A 496 0.93 6.34 17.10
CA THR A 496 0.48 5.08 16.52
C THR A 496 1.41 4.74 15.37
N GLY A 497 1.24 3.52 14.84
CA GLY A 497 2.02 3.03 13.73
C GLY A 497 1.19 1.99 12.96
N MET A 498 1.22 2.04 11.63
CA MET A 498 0.39 1.14 10.84
C MET A 498 1.05 0.91 9.48
N GLY A 499 0.91 -0.31 8.97
CA GLY A 499 1.52 -0.71 7.71
C GLY A 499 0.47 -0.84 6.61
N ILE A 500 0.80 -0.23 5.46
CA ILE A 500 -0.16 -0.03 4.39
C ILE A 500 -0.42 -1.36 3.70
N ASP A 501 0.65 -2.17 3.55
CA ASP A 501 0.51 -3.46 2.90
C ASP A 501 -0.43 -4.37 3.70
N ARG A 502 -0.23 -4.38 5.03
CA ARG A 502 -1.01 -5.24 5.91
C ARG A 502 -2.43 -4.68 6.04
N LEU A 503 -2.54 -3.34 6.07
CA LEU A 503 -3.87 -2.74 6.03
C LEU A 503 -4.65 -3.36 4.87
N LEU A 504 -4.03 -3.42 3.69
CA LEU A 504 -4.67 -3.94 2.49
C LEU A 504 -4.87 -5.46 2.58
N MET A 505 -3.82 -6.18 3.01
CA MET A 505 -3.95 -7.61 3.25
C MET A 505 -5.15 -7.85 4.15
N SER A 506 -5.16 -7.18 5.31
CA SER A 506 -6.16 -7.42 6.33
C SER A 506 -7.55 -7.17 5.75
N LEU A 507 -7.65 -6.27 4.75
CA LEU A 507 -8.94 -5.91 4.20
C LEU A 507 -9.37 -6.84 3.06
N THR A 508 -8.42 -7.50 2.37
CA THR A 508 -8.69 -8.09 1.06
C THR A 508 -8.28 -9.56 0.98
N GLY A 509 -7.24 -9.96 1.69
CA GLY A 509 -6.73 -11.32 1.58
C GLY A 509 -5.69 -11.43 0.46
N LEU A 510 -5.33 -10.27 -0.11
CA LEU A 510 -4.28 -10.19 -1.11
C LEU A 510 -2.94 -10.36 -0.41
N SER A 511 -1.97 -10.95 -1.14
CA SER A 511 -0.62 -11.07 -0.64
C SER A 511 0.05 -9.70 -0.67
N ILE A 512 1.11 -9.57 0.14
CA ILE A 512 1.94 -8.37 0.23
C ILE A 512 2.51 -8.03 -1.14
N ARG A 513 2.81 -9.05 -1.95
CA ARG A 513 3.43 -8.87 -3.26
C ARG A 513 2.44 -8.37 -4.31
N GLU A 514 1.14 -8.33 -4.00
CA GLU A 514 0.14 -7.81 -4.92
C GLU A 514 -0.31 -6.41 -4.53
N THR A 515 0.05 -5.95 -3.32
CA THR A 515 -0.48 -4.71 -2.79
C THR A 515 0.37 -3.52 -3.20
N VAL A 516 1.62 -3.78 -3.61
CA VAL A 516 2.50 -2.76 -4.14
C VAL A 516 2.51 -2.86 -5.66
N LEU A 517 2.69 -1.70 -6.30
CA LEU A 517 3.00 -1.64 -7.71
C LEU A 517 4.24 -2.48 -8.03
N PHE A 518 5.41 -2.09 -7.52
CA PHE A 518 6.65 -2.64 -8.03
C PHE A 518 7.48 -3.18 -6.87
N PRO A 519 7.35 -4.49 -6.55
CA PRO A 519 8.25 -5.13 -5.60
C PRO A 519 9.37 -5.90 -6.28
N ILE A 520 10.38 -6.27 -5.46
CA ILE A 520 11.21 -7.45 -5.68
C ILE A 520 12.09 -7.62 -4.42
N LYS B . 7.99 3.44 15.48
CA LYS B . 6.84 2.50 15.60
C LYS B . 7.11 1.22 14.79
O LYS B . 6.32 0.28 14.98
CB LYS B . 5.52 3.10 15.09
CG LYS B . 4.97 4.25 15.93
CD LYS B . 4.42 3.81 17.28
CE LYS B . 3.95 4.95 18.15
NZ LYS B . 5.05 5.68 18.79
OXT LYS B . 8.07 1.21 14.00
C1 A1I5H C . 5.42 -5.29 5.04
O1 A1I5H C . 5.19 -4.75 6.33
C2 A1I5H C . 6.21 -4.73 7.22
N1 A1I5H C . 7.42 -5.13 6.88
C3 A1I5H C . 8.37 -5.08 7.84
N2 A1I5H C . 8.16 -4.67 9.12
C4 A1I5H C . 6.92 -4.29 9.45
C5 A1I5H C . 5.92 -4.32 8.51
C6 A1I5H C . 4.69 -3.83 9.14
O2 A1I5H C . 3.57 -3.70 8.65
N3 A1I5H C . 5.04 -3.41 10.41
C7 A1I5H C . 6.40 -3.79 10.76
C8 A1I5H C . 4.09 -2.68 11.27
C9 A1I5H C . 3.32 -3.62 12.19
C10 A1I5H C . 2.35 -2.87 13.10
C11 A1I5H C . 3.04 -1.75 13.85
O3 A1I5H C . 3.99 -2.27 14.79
C12 A1I5H C . 3.78 -0.82 12.92
C13 A1I5H C . 4.78 -1.59 12.06
N4 A1I5H C . 9.62 -5.47 7.50
#